data_5I35
#
_entry.id   5I35
#
_cell.length_a   150.050
_cell.length_b   59.120
_cell.length_c   51.000
_cell.angle_alpha   90.00
_cell.angle_beta   97.69
_cell.angle_gamma   90.00
#
_symmetry.space_group_name_H-M   'C 1 2 1'
#
loop_
_entity.id
_entity.type
_entity.pdbx_description
1 polymer 'Atypical kinase ADCK3, mitochondrial'
2 non-polymer 'PHOSPHOAMINOPHOSPHONIC ACID-ADENYLATE ESTER'
3 water water
#
_entity_poly.entity_id   1
_entity_poly.type   'polypeptide(L)'
_entity_poly.pdbx_seq_one_letter_code
;SSEANAERIVRTLCKVRGAALKLGQ(MSE)LSIQDDAFINPHLAKIFERVRQSADF(MSE)PLKQ(MSE)(MSE)KTLNN
DLGPNWRDKLEYFEERPFAAASIGQVHLAR(MSE)KGGREVA(MSE)KIQYPGVAQSINSDVNNL(MSE)AVLN(MSE)S
N(MSE)LPEGLFPEHLIDVLRRELALECDYQREAACARKFRDLLKGHPFFYVPEIVDELCSPHVLTTELVSGFPLDQAEG
LSQEIRNEICYNILVLCLRELFEFHF(MSE)QTDPNWSNFFYDPQQHKVALLDFGATREYDRSFTDLYIQIIRAAADRDR
ETVRAKSIE(MSE)KFLTGYEVKV(MSE)EDAHLDAILILGEAFASDEPFDFGTQSTTEKIHNLIPV(MSE)LRHRLVPP
PEETYSLHKK(MSE)GGSFLICSKLKARFPCKA(MSE)FEEAYSNYCKRQAQQ
;
_entity_poly.pdbx_strand_id   A
#
# COMPACT_ATOMS: atom_id res chain seq x y z
N GLU A 7 -23.49 15.83 -7.23
CA GLU A 7 -22.69 16.98 -6.70
C GLU A 7 -21.16 16.74 -6.78
N ARG A 8 -20.49 17.77 -7.27
CA ARG A 8 -19.10 17.76 -7.65
C ARG A 8 -18.35 18.55 -6.62
N ILE A 9 -18.09 17.84 -5.51
CA ILE A 9 -17.01 18.04 -4.48
C ILE A 9 -15.65 17.54 -5.07
N VAL A 10 -15.76 16.53 -5.93
CA VAL A 10 -14.62 15.98 -6.68
C VAL A 10 -13.71 17.06 -7.29
N ARG A 11 -14.27 18.10 -7.87
CA ARG A 11 -13.42 19.08 -8.53
C ARG A 11 -12.50 19.80 -7.52
N THR A 12 -12.98 20.04 -6.30
CA THR A 12 -12.11 20.65 -5.26
C THR A 12 -11.06 19.68 -4.66
N LEU A 13 -11.41 18.42 -4.43
CA LEU A 13 -10.42 17.46 -3.93
C LEU A 13 -9.31 17.17 -4.95
N CYS A 14 -9.65 17.26 -6.24
CA CYS A 14 -8.67 17.16 -7.33
C CYS A 14 -7.61 18.26 -7.29
N LYS A 15 -7.96 19.45 -6.81
CA LYS A 15 -6.92 20.46 -6.50
C LYS A 15 -5.96 20.09 -5.34
N VAL A 16 -6.30 19.08 -4.51
CA VAL A 16 -5.42 18.62 -3.42
C VAL A 16 -5.35 17.08 -3.44
N ARG A 17 -5.14 16.57 -4.63
CA ARG A 17 -5.27 15.15 -4.93
C ARG A 17 -4.37 14.31 -4.07
N GLY A 18 -3.14 14.79 -3.82
CA GLY A 18 -2.19 14.04 -2.99
C GLY A 18 -2.66 13.90 -1.57
N ALA A 19 -3.05 14.98 -0.90
CA ALA A 19 -3.58 14.87 0.47
C ALA A 19 -4.86 14.06 0.48
N ALA A 20 -5.71 14.22 -0.54
CA ALA A 20 -6.98 13.39 -0.57
C ALA A 20 -6.77 11.89 -0.68
N LEU A 21 -5.92 11.50 -1.58
CA LEU A 21 -5.61 10.11 -1.77
C LEU A 21 -4.90 9.55 -0.59
N LYS A 22 -3.98 10.34 -0.01
CA LYS A 22 -3.27 9.80 1.15
C LYS A 22 -4.27 9.62 2.33
N LEU A 23 -5.14 10.61 2.58
CA LEU A 23 -6.28 10.37 3.53
C LEU A 23 -7.11 9.11 3.24
N GLY A 24 -7.45 8.90 1.95
CA GLY A 24 -8.23 7.72 1.50
C GLY A 24 -7.54 6.41 1.86
N GLN A 25 -6.22 6.30 1.67
CA GLN A 25 -5.50 5.07 2.10
C GLN A 25 -5.53 4.93 3.62
N LEU A 27 -7.72 5.78 5.76
CA LEU A 27 -9.03 5.52 6.33
C LEU A 27 -9.69 4.25 5.82
N SER A 28 -9.36 3.79 4.62
CA SER A 28 -10.24 2.84 3.91
C SER A 28 -11.61 3.53 3.51
N ILE A 29 -11.50 4.56 2.67
CA ILE A 29 -12.53 4.85 1.70
C ILE A 29 -12.11 3.80 0.68
N GLN A 30 -12.67 2.62 0.85
CA GLN A 30 -12.29 1.38 0.14
C GLN A 30 -13.59 0.59 -0.06
N ASP A 31 -14.66 1.32 -0.38
CA ASP A 31 -16.07 0.82 -0.40
C ASP A 31 -16.58 0.10 0.90
N ASP A 32 -15.86 0.23 2.02
CA ASP A 32 -16.12 -0.66 3.19
C ASP A 32 -17.48 -0.43 3.86
N ALA A 33 -18.05 -1.50 4.44
CA ALA A 33 -19.44 -1.54 4.90
C ALA A 33 -19.69 -0.75 6.21
N PHE A 34 -19.58 0.58 6.14
CA PHE A 34 -19.83 1.52 7.27
C PHE A 34 -19.79 2.97 6.75
N ILE A 35 -18.59 3.42 6.34
CA ILE A 35 -18.35 4.78 5.81
C ILE A 35 -19.35 5.07 4.68
N ASN A 36 -19.81 6.31 4.60
CA ASN A 36 -20.85 6.71 3.67
C ASN A 36 -20.47 6.34 2.20
N PRO A 37 -21.25 5.45 1.53
CA PRO A 37 -20.95 5.14 0.10
C PRO A 37 -21.04 6.33 -0.90
N HIS A 38 -21.67 7.44 -0.48
CA HIS A 38 -21.55 8.74 -1.20
C HIS A 38 -20.07 9.17 -1.26
N LEU A 39 -19.38 9.08 -0.13
CA LEU A 39 -18.00 9.59 0.03
C LEU A 39 -16.96 8.74 -0.69
N ALA A 40 -16.95 7.44 -0.39
CA ALA A 40 -16.07 6.51 -1.08
C ALA A 40 -16.25 6.62 -2.58
N LYS A 41 -17.47 6.89 -3.04
CA LYS A 41 -17.69 7.14 -4.45
C LYS A 41 -16.77 8.29 -4.90
N ILE A 42 -16.99 9.43 -4.26
CA ILE A 42 -16.25 10.67 -4.51
C ILE A 42 -14.73 10.47 -4.53
N PHE A 43 -14.22 9.69 -3.58
CA PHE A 43 -12.82 9.41 -3.45
C PHE A 43 -12.33 8.55 -4.62
N GLU A 44 -13.09 7.53 -5.01
CA GLU A 44 -12.74 6.78 -6.24
C GLU A 44 -12.66 7.70 -7.47
N ARG A 45 -13.65 8.55 -7.61
CA ARG A 45 -13.70 9.42 -8.75
C ARG A 45 -12.42 10.25 -8.73
N VAL A 46 -11.93 10.61 -7.51
CA VAL A 46 -10.70 11.40 -7.40
C VAL A 46 -9.43 10.65 -7.89
N ARG A 47 -9.26 9.39 -7.50
CA ARG A 47 -8.13 8.56 -7.89
C ARG A 47 -8.01 8.44 -9.42
N GLN A 48 -9.15 8.20 -10.08
CA GLN A 48 -9.20 7.99 -11.53
C GLN A 48 -9.39 9.32 -12.28
N SER A 49 -8.96 10.43 -11.69
CA SER A 49 -9.05 11.72 -12.34
C SER A 49 -7.63 12.16 -12.70
N ALA A 50 -7.25 11.83 -13.92
CA ALA A 50 -6.11 12.44 -14.58
C ALA A 50 -6.32 13.97 -14.70
N ASP A 51 -6.05 14.71 -13.62
CA ASP A 51 -6.08 16.18 -13.62
C ASP A 51 -4.63 16.67 -14.01
N PHE A 52 -4.39 16.95 -15.30
CA PHE A 52 -2.99 17.14 -15.82
C PHE A 52 -2.55 18.60 -16.05
N PRO A 54 0.41 21.57 -17.44
CA PRO A 54 1.21 21.91 -18.65
C PRO A 54 2.68 21.45 -18.52
N LEU A 55 3.26 21.01 -19.64
CA LEU A 55 4.69 20.66 -19.71
C LEU A 55 5.60 21.58 -18.92
N LYS A 56 5.53 22.88 -19.24
CA LYS A 56 6.24 23.95 -18.52
C LYS A 56 6.54 23.55 -17.08
N GLN A 57 5.48 23.32 -16.28
CA GLN A 57 5.59 22.88 -14.86
C GLN A 57 6.51 21.62 -14.65
N LYS A 60 10.03 22.54 -15.44
CA LYS A 60 10.54 23.24 -14.25
C LYS A 60 11.23 22.25 -13.32
N THR A 61 10.49 21.24 -12.84
CA THR A 61 11.10 20.19 -12.02
C THR A 61 12.34 19.56 -12.72
N LEU A 62 12.24 19.23 -14.01
CA LEU A 62 13.38 18.60 -14.75
C LEU A 62 14.60 19.50 -14.87
N ASN A 63 14.46 20.73 -15.35
CA ASN A 63 15.62 21.67 -15.37
C ASN A 63 16.20 21.97 -13.96
N ASN A 64 15.34 22.27 -12.99
CA ASN A 64 15.80 22.42 -11.60
C ASN A 64 16.64 21.28 -11.12
N ASP A 65 16.17 20.04 -11.28
CA ASP A 65 16.86 18.86 -10.74
C ASP A 65 17.94 18.26 -11.65
N LEU A 66 17.80 18.27 -12.96
CA LEU A 66 18.77 17.53 -13.75
C LEU A 66 19.76 18.39 -14.54
N GLY A 67 19.60 19.70 -14.45
CA GLY A 67 20.43 20.63 -15.20
C GLY A 67 19.81 20.91 -16.53
N PRO A 68 20.51 21.64 -17.39
CA PRO A 68 20.00 21.82 -18.76
C PRO A 68 20.53 20.74 -19.72
N ASN A 69 21.55 19.99 -19.34
CA ASN A 69 22.04 18.86 -20.16
C ASN A 69 20.97 17.73 -20.42
N TRP A 70 20.04 17.53 -19.48
CA TRP A 70 19.23 16.28 -19.31
C TRP A 70 18.58 15.70 -20.55
N ARG A 71 18.13 16.55 -21.47
CA ARG A 71 17.53 16.06 -22.70
C ARG A 71 18.57 15.21 -23.54
N ASP A 72 19.85 15.52 -23.36
CA ASP A 72 20.98 14.85 -24.09
C ASP A 72 21.16 13.33 -23.80
N LYS A 73 20.84 12.88 -22.57
CA LYS A 73 20.77 11.41 -22.29
C LYS A 73 19.68 10.62 -23.05
N LEU A 74 18.70 11.29 -23.67
CA LEU A 74 17.53 10.61 -24.26
C LEU A 74 17.48 10.65 -25.78
N GLU A 75 17.08 9.54 -26.41
CA GLU A 75 16.51 9.53 -27.79
C GLU A 75 15.06 10.09 -27.91
N TYR A 76 14.23 10.02 -26.87
CA TYR A 76 12.81 10.40 -26.97
C TYR A 76 12.26 10.71 -25.55
N PHE A 77 11.34 11.66 -25.46
CA PHE A 77 10.63 12.03 -24.25
C PHE A 77 9.17 12.27 -24.62
N GLU A 78 8.30 11.41 -24.13
CA GLU A 78 6.88 11.50 -24.45
C GLU A 78 6.18 12.58 -23.60
N GLU A 79 5.58 13.54 -24.28
CA GLU A 79 5.10 14.78 -23.62
C GLU A 79 3.79 14.61 -22.86
N ARG A 80 2.96 13.67 -23.26
CA ARG A 80 1.76 13.37 -22.57
C ARG A 80 2.18 12.33 -21.55
N PRO A 81 1.79 12.49 -20.25
CA PRO A 81 2.07 11.41 -19.30
C PRO A 81 1.24 10.17 -19.61
N PHE A 82 1.74 8.98 -19.27
CA PHE A 82 0.88 7.78 -19.42
C PHE A 82 0.21 7.30 -18.10
N ALA A 83 0.48 7.99 -17.02
CA ALA A 83 -0.13 7.71 -15.76
C ALA A 83 0.13 8.84 -14.76
N ALA A 84 -0.89 9.03 -13.96
CA ALA A 84 -0.91 9.99 -12.89
C ALA A 84 -0.33 9.28 -11.69
N ALA A 85 0.51 9.97 -10.93
CA ALA A 85 0.91 9.54 -9.63
C ALA A 85 0.27 10.57 -8.67
N SER A 86 0.37 10.26 -7.39
CA SER A 86 -0.31 11.03 -6.34
C SER A 86 0.17 12.51 -6.24
N ILE A 87 1.43 12.79 -6.57
CA ILE A 87 1.99 14.15 -6.41
C ILE A 87 2.74 14.58 -7.67
N GLY A 88 2.28 14.16 -8.86
CA GLY A 88 3.05 14.29 -10.12
C GLY A 88 2.58 13.34 -11.25
N GLN A 89 3.46 13.06 -12.24
CA GLN A 89 3.08 12.29 -13.42
C GLN A 89 4.21 11.45 -13.84
N VAL A 90 3.89 10.43 -14.63
CA VAL A 90 4.93 9.56 -15.11
C VAL A 90 4.99 9.60 -16.62
N HIS A 91 6.19 9.78 -17.15
CA HIS A 91 6.40 9.94 -18.62
C HIS A 91 7.31 8.82 -19.12
N LEU A 92 6.98 8.22 -20.27
CA LEU A 92 7.86 7.27 -20.93
C LEU A 92 8.95 8.08 -21.61
N ALA A 93 10.14 7.52 -21.61
CA ALA A 93 11.29 8.06 -22.33
C ALA A 93 12.08 6.91 -22.86
N ARG A 94 12.96 7.22 -23.79
CA ARG A 94 13.93 6.22 -24.24
C ARG A 94 15.28 6.86 -24.16
N LYS A 96 19.44 7.12 -24.76
CA LYS A 96 20.29 7.07 -25.93
C LYS A 96 20.51 5.68 -26.53
N GLY A 97 20.90 4.66 -25.77
CA GLY A 97 21.06 3.33 -26.44
C GLY A 97 19.82 2.57 -26.96
N GLY A 98 18.62 3.04 -26.63
CA GLY A 98 17.35 2.30 -26.82
C GLY A 98 16.66 1.88 -25.49
N ARG A 99 17.24 2.14 -24.31
CA ARG A 99 16.65 1.55 -23.08
C ARG A 99 15.48 2.41 -22.66
N GLU A 100 14.32 1.79 -22.56
CA GLU A 100 13.05 2.38 -22.18
C GLU A 100 12.93 2.58 -20.70
N VAL A 101 12.43 3.74 -20.34
CA VAL A 101 12.27 4.08 -18.92
C VAL A 101 10.97 4.74 -18.61
N ALA A 102 10.60 4.76 -17.33
CA ALA A 102 9.47 5.56 -16.81
C ALA A 102 10.01 6.65 -15.84
N LYS A 104 9.18 9.37 -13.22
CA LYS A 104 8.14 9.90 -12.35
C LYS A 104 8.53 11.29 -11.87
N ILE A 105 7.74 12.30 -12.21
CA ILE A 105 8.19 13.68 -12.00
C ILE A 105 7.23 14.35 -11.08
N GLN A 106 7.69 15.01 -10.01
CA GLN A 106 6.71 15.71 -9.13
C GLN A 106 6.23 17.02 -9.72
N TYR A 107 5.01 17.42 -9.39
CA TYR A 107 4.61 18.84 -9.54
C TYR A 107 5.59 19.71 -8.75
N PRO A 108 5.91 20.92 -9.24
CA PRO A 108 6.84 21.75 -8.43
C PRO A 108 6.26 22.13 -7.05
N GLY A 109 7.13 22.23 -6.04
CA GLY A 109 6.76 22.73 -4.71
C GLY A 109 5.76 21.91 -3.92
N VAL A 110 5.79 20.60 -4.12
CA VAL A 110 4.86 19.69 -3.42
C VAL A 110 5.10 19.66 -1.89
N ALA A 111 6.35 19.46 -1.47
CA ALA A 111 6.70 19.45 -0.06
C ALA A 111 6.17 20.68 0.61
N GLN A 112 6.32 21.77 -0.10
CA GLN A 112 6.16 23.09 0.42
C GLN A 112 4.67 23.38 0.60
N SER A 113 3.78 22.79 -0.20
CA SER A 113 2.36 23.04 -0.01
C SER A 113 1.58 21.98 0.86
N ILE A 114 2.29 21.07 1.52
CA ILE A 114 1.65 20.05 2.34
C ILE A 114 0.67 20.65 3.36
N ASN A 115 1.13 21.68 4.06
CA ASN A 115 0.36 22.29 5.16
C ASN A 115 -0.90 22.95 4.67
N SER A 116 -0.75 23.75 3.64
CA SER A 116 -1.90 24.41 2.98
C SER A 116 -2.90 23.38 2.34
N ASP A 117 -2.39 22.41 1.60
CA ASP A 117 -3.24 21.42 1.00
C ASP A 117 -4.07 20.59 2.02
N VAL A 118 -3.45 20.23 3.14
CA VAL A 118 -4.13 19.47 4.20
C VAL A 118 -5.24 20.31 4.86
N ASN A 119 -4.91 21.56 5.11
CA ASN A 119 -5.86 22.49 5.65
C ASN A 119 -7.09 22.63 4.80
N ASN A 120 -6.88 22.86 3.50
CA ASN A 120 -7.94 22.91 2.52
C ASN A 120 -8.77 21.66 2.38
N LEU A 121 -8.14 20.50 2.39
CA LEU A 121 -8.86 19.25 2.45
C LEU A 121 -9.76 19.11 3.67
N ALA A 123 -10.93 21.48 5.41
CA ALA A 123 -11.94 22.46 5.14
C ALA A 123 -13.08 21.93 4.21
N VAL A 124 -12.72 21.22 3.13
CA VAL A 124 -13.72 20.69 2.22
C VAL A 124 -14.54 19.62 2.89
N LEU A 125 -13.86 18.73 3.56
CA LEU A 125 -14.57 17.72 4.33
C LEU A 125 -15.41 18.30 5.48
N ASN A 126 -14.92 19.32 6.19
CA ASN A 126 -15.66 19.86 7.34
C ASN A 126 -16.96 20.44 6.76
N SER A 128 -18.74 19.82 4.18
CA SER A 128 -19.70 18.76 3.80
C SER A 128 -20.01 17.79 4.98
N ASN A 129 -19.89 18.28 6.22
CA ASN A 129 -19.85 17.52 7.52
C ASN A 129 -19.68 15.98 7.54
N LEU A 131 -16.80 14.71 9.19
CA LEU A 131 -15.65 14.63 10.10
C LEU A 131 -15.56 13.37 11.04
N PRO A 132 -16.63 12.58 11.27
CA PRO A 132 -17.85 13.03 11.90
C PRO A 132 -17.75 12.70 13.42
N GLU A 133 -16.55 12.82 13.99
CA GLU A 133 -16.38 13.14 15.41
C GLU A 133 -17.02 14.52 15.66
N GLY A 134 -16.86 15.43 14.69
CA GLY A 134 -17.44 16.79 14.70
C GLY A 134 -16.41 17.92 14.63
N LEU A 135 -15.16 17.56 14.99
CA LEU A 135 -13.99 18.43 15.10
C LEU A 135 -12.93 18.12 14.02
N PHE A 136 -11.86 18.91 14.02
CA PHE A 136 -10.66 18.59 13.26
C PHE A 136 -9.93 17.56 14.12
N PRO A 137 -9.75 16.33 13.59
CA PRO A 137 -9.02 15.32 14.38
C PRO A 137 -7.49 15.62 14.41
N GLU A 138 -6.99 16.13 15.53
CA GLU A 138 -5.60 16.60 15.61
C GLU A 138 -4.58 15.49 15.23
N HIS A 139 -4.76 14.30 15.78
CA HIS A 139 -3.73 13.28 15.59
C HIS A 139 -3.72 12.81 14.11
N LEU A 140 -4.85 12.75 13.47
CA LEU A 140 -4.88 12.34 12.10
C LEU A 140 -4.24 13.38 11.16
N ILE A 141 -4.43 14.67 11.41
CA ILE A 141 -3.79 15.73 10.58
C ILE A 141 -2.26 15.56 10.71
N ASP A 142 -1.81 15.29 11.93
CA ASP A 142 -0.41 15.17 12.13
C ASP A 142 0.22 14.02 11.37
N VAL A 143 -0.42 12.84 11.43
CA VAL A 143 0.01 11.65 10.69
C VAL A 143 -0.08 11.89 9.14
N LEU A 144 -1.20 12.43 8.65
CA LEU A 144 -1.29 12.74 7.22
C LEU A 144 -0.19 13.73 6.69
N ARG A 145 0.20 14.73 7.46
CA ARG A 145 1.40 15.55 7.11
C ARG A 145 2.75 14.80 7.03
N ARG A 146 3.05 14.00 8.05
CA ARG A 146 4.24 13.14 8.04
C ARG A 146 4.27 12.16 6.85
N GLU A 147 3.16 11.48 6.62
CA GLU A 147 3.10 10.54 5.51
C GLU A 147 3.29 11.27 4.21
N LEU A 148 2.69 12.46 4.06
CA LEU A 148 2.96 13.24 2.82
C LEU A 148 4.45 13.66 2.65
N ALA A 149 5.15 14.06 3.72
CA ALA A 149 6.57 14.45 3.57
C ALA A 149 7.36 13.18 3.11
N LEU A 150 6.97 12.05 3.63
CA LEU A 150 7.66 10.80 3.32
C LEU A 150 7.49 10.47 1.83
N GLU A 151 6.25 10.61 1.37
CA GLU A 151 5.89 10.35 -0.01
C GLU A 151 6.67 11.26 -0.98
N CYS A 152 6.88 12.53 -0.62
CA CYS A 152 7.68 13.52 -1.35
C CYS A 152 9.13 13.24 -1.49
N ASP A 153 9.69 12.38 -0.64
CA ASP A 153 11.11 12.11 -0.66
C ASP A 153 11.52 10.99 -1.64
N TYR A 154 11.89 11.38 -2.89
CA TYR A 154 12.28 10.42 -3.92
C TYR A 154 13.68 9.83 -3.73
N GLN A 155 14.55 10.46 -2.93
CA GLN A 155 15.84 9.89 -2.64
C GLN A 155 15.61 8.67 -1.75
N ARG A 156 14.82 8.87 -0.73
CA ARG A 156 14.38 7.79 0.13
C ARG A 156 13.69 6.67 -0.66
N GLU A 157 12.72 7.07 -1.52
CA GLU A 157 12.08 6.09 -2.38
C GLU A 157 13.10 5.24 -3.25
N ALA A 158 14.14 5.89 -3.75
CA ALA A 158 15.15 5.29 -4.65
C ALA A 158 15.96 4.31 -3.85
N ALA A 159 16.29 4.68 -2.62
CA ALA A 159 17.02 3.75 -1.76
C ALA A 159 16.20 2.51 -1.35
N CYS A 160 14.90 2.68 -1.15
CA CYS A 160 14.02 1.53 -0.78
C CYS A 160 13.83 0.57 -1.97
N ALA A 161 13.54 1.08 -3.13
CA ALA A 161 13.62 0.29 -4.35
C ALA A 161 14.94 -0.47 -4.52
N ARG A 162 16.10 0.20 -4.42
CA ARG A 162 17.39 -0.53 -4.55
C ARG A 162 17.50 -1.63 -3.53
N LYS A 163 17.03 -1.35 -2.33
CA LYS A 163 17.11 -2.33 -1.26
C LYS A 163 16.12 -3.49 -1.53
N PHE A 164 14.91 -3.24 -2.00
CA PHE A 164 13.97 -4.33 -2.28
C PHE A 164 14.55 -5.16 -3.39
N ARG A 165 15.22 -4.50 -4.33
CA ARG A 165 15.76 -5.18 -5.51
C ARG A 165 16.81 -6.20 -5.05
N ASP A 166 17.74 -5.85 -4.15
CA ASP A 166 18.59 -6.88 -3.51
C ASP A 166 17.88 -8.11 -2.96
N LEU A 167 16.92 -7.90 -2.07
CA LEU A 167 16.19 -8.98 -1.36
C LEU A 167 15.49 -9.97 -2.29
N LEU A 168 15.12 -9.52 -3.50
CA LEU A 168 14.54 -10.35 -4.53
C LEU A 168 15.50 -10.75 -5.67
N LYS A 169 16.79 -10.44 -5.52
CA LYS A 169 17.85 -10.86 -6.48
C LYS A 169 17.66 -12.30 -6.81
N GLY A 170 17.55 -12.64 -8.08
CA GLY A 170 17.45 -14.03 -8.47
C GLY A 170 16.11 -14.71 -8.29
N HIS A 171 15.06 -13.96 -7.94
CA HIS A 171 13.80 -14.57 -7.53
C HIS A 171 13.07 -15.11 -8.77
N PRO A 172 12.53 -16.32 -8.65
CA PRO A 172 11.92 -16.96 -9.84
C PRO A 172 10.59 -16.37 -10.33
N PHE A 173 9.91 -15.57 -9.51
CA PHE A 173 8.63 -14.99 -9.87
C PHE A 173 8.44 -13.45 -9.73
N PHE A 174 8.97 -12.84 -8.67
CA PHE A 174 8.88 -11.44 -8.48
C PHE A 174 10.18 -10.74 -8.91
N TYR A 175 10.09 -9.51 -9.39
CA TYR A 175 11.27 -8.64 -9.56
C TYR A 175 10.96 -7.15 -9.44
N VAL A 176 12.01 -6.37 -9.34
CA VAL A 176 11.93 -4.95 -9.08
C VAL A 176 12.70 -4.23 -10.19
N PRO A 177 12.03 -3.34 -10.96
CA PRO A 177 12.74 -2.69 -12.04
C PRO A 177 13.88 -1.90 -11.48
N GLU A 178 15.00 -1.89 -12.21
CA GLU A 178 16.19 -1.15 -11.78
C GLU A 178 15.94 0.34 -11.84
N ILE A 179 16.59 1.04 -10.93
CA ILE A 179 16.61 2.48 -10.82
C ILE A 179 17.69 3.01 -11.76
N VAL A 180 17.43 4.14 -12.41
CA VAL A 180 18.40 4.75 -13.34
C VAL A 180 18.97 6.00 -12.65
N ASP A 181 20.12 5.88 -11.95
CA ASP A 181 20.62 6.95 -11.01
C ASP A 181 20.84 8.33 -11.67
N GLU A 182 21.37 8.30 -12.88
CA GLU A 182 21.67 9.49 -13.60
C GLU A 182 20.38 10.29 -13.89
N LEU A 183 19.21 9.60 -13.89
CA LEU A 183 17.91 10.27 -14.03
C LEU A 183 17.09 10.26 -12.76
N CYS A 184 17.76 10.05 -11.59
CA CYS A 184 17.12 10.12 -10.28
C CYS A 184 17.64 11.33 -9.54
N SER A 185 16.76 11.90 -8.73
CA SER A 185 17.08 13.15 -8.02
C SER A 185 16.00 13.32 -6.93
N PRO A 186 16.02 14.43 -6.17
CA PRO A 186 15.00 14.54 -5.12
C PRO A 186 13.55 14.59 -5.59
N HIS A 187 13.33 15.06 -6.80
CA HIS A 187 11.94 15.31 -7.28
C HIS A 187 11.54 14.49 -8.54
N VAL A 188 12.47 13.65 -8.95
CA VAL A 188 12.31 12.74 -10.08
C VAL A 188 12.83 11.36 -9.75
N LEU A 189 12.00 10.36 -10.02
CA LEU A 189 12.39 8.99 -9.81
C LEU A 189 12.28 8.25 -11.15
N THR A 190 13.41 7.78 -11.69
CA THR A 190 13.41 7.05 -13.00
C THR A 190 13.71 5.54 -12.91
N THR A 191 12.79 4.68 -13.32
CA THR A 191 13.03 3.21 -13.39
C THR A 191 12.91 2.65 -14.80
N GLU A 192 13.64 1.59 -15.10
CA GLU A 192 13.29 0.69 -16.21
C GLU A 192 11.77 0.45 -16.38
N LEU A 193 11.30 0.58 -17.59
CA LEU A 193 9.93 0.27 -17.94
C LEU A 193 9.68 -1.23 -17.72
N VAL A 194 8.53 -1.59 -17.17
CA VAL A 194 8.16 -3.04 -17.04
C VAL A 194 7.00 -3.43 -17.99
N SER A 195 7.12 -4.64 -18.50
CA SER A 195 6.09 -5.29 -19.29
C SER A 195 4.89 -5.74 -18.46
N GLY A 196 3.89 -6.25 -19.13
CA GLY A 196 2.76 -6.88 -18.49
C GLY A 196 1.74 -5.84 -18.17
N PHE A 197 0.68 -6.21 -17.46
CA PHE A 197 -0.38 -5.30 -17.06
C PHE A 197 -0.58 -5.36 -15.52
N PRO A 198 -1.14 -4.31 -14.93
CA PRO A 198 -1.48 -4.36 -13.48
C PRO A 198 -2.61 -5.34 -13.11
N LEU A 199 -2.57 -5.92 -11.90
CA LEU A 199 -3.54 -6.94 -11.52
C LEU A 199 -4.98 -6.46 -11.51
N ASP A 200 -5.21 -5.15 -11.50
CA ASP A 200 -6.54 -4.48 -11.83
C ASP A 200 -7.23 -5.04 -13.03
N GLN A 201 -6.43 -5.24 -14.08
CA GLN A 201 -6.90 -5.68 -15.40
C GLN A 201 -6.84 -7.17 -15.57
N ALA A 202 -6.82 -7.94 -14.46
CA ALA A 202 -6.45 -9.38 -14.49
C ALA A 202 -7.49 -10.38 -13.95
N GLU A 203 -8.68 -9.94 -13.55
CA GLU A 203 -9.77 -10.90 -13.25
C GLU A 203 -10.06 -11.84 -14.45
N GLY A 204 -9.82 -11.37 -15.68
CA GLY A 204 -10.01 -12.16 -16.89
C GLY A 204 -9.07 -13.34 -17.11
N LEU A 205 -7.97 -13.39 -16.37
CA LEU A 205 -7.10 -14.58 -16.37
C LEU A 205 -7.74 -15.84 -15.76
N SER A 206 -7.07 -16.97 -15.89
CA SER A 206 -7.62 -18.24 -15.47
C SER A 206 -7.51 -18.43 -13.97
N GLN A 207 -8.30 -19.38 -13.44
CA GLN A 207 -8.32 -19.69 -12.02
C GLN A 207 -6.95 -20.20 -11.52
N GLU A 208 -6.22 -20.89 -12.37
CA GLU A 208 -4.92 -21.48 -11.98
C GLU A 208 -3.86 -20.38 -11.82
N ILE A 209 -3.89 -19.38 -12.68
CA ILE A 209 -2.89 -18.29 -12.79
C ILE A 209 -3.14 -17.32 -11.65
N ARG A 210 -4.42 -17.01 -11.46
CA ARG A 210 -4.87 -16.15 -10.40
C ARG A 210 -4.50 -16.76 -9.06
N ASN A 211 -4.73 -18.06 -8.89
CA ASN A 211 -4.33 -18.77 -7.65
C ASN A 211 -2.85 -18.66 -7.40
N GLU A 212 -2.09 -18.84 -8.45
CA GLU A 212 -0.69 -18.82 -8.36
C GLU A 212 -0.12 -17.43 -8.09
N ILE A 213 -0.72 -16.40 -8.65
CA ILE A 213 -0.26 -15.06 -8.41
C ILE A 213 -0.48 -14.72 -6.96
N CYS A 214 -1.70 -14.92 -6.50
CA CYS A 214 -2.04 -14.66 -5.13
C CYS A 214 -1.30 -15.55 -4.06
N TYR A 215 -1.09 -16.83 -4.35
CA TYR A 215 -0.32 -17.73 -3.51
C TYR A 215 1.05 -17.07 -3.33
N ASN A 216 1.69 -16.67 -4.42
CA ASN A 216 2.97 -16.00 -4.32
C ASN A 216 2.94 -14.67 -3.58
N ILE A 217 1.87 -13.91 -3.73
CA ILE A 217 1.71 -12.62 -3.08
C ILE A 217 1.63 -12.84 -1.58
N LEU A 218 0.84 -13.82 -1.16
CA LEU A 218 0.71 -14.00 0.28
C LEU A 218 2.01 -14.56 0.95
N VAL A 219 2.71 -15.46 0.25
CA VAL A 219 4.02 -15.92 0.72
C VAL A 219 4.97 -14.71 0.93
N LEU A 220 5.01 -13.84 -0.05
CA LEU A 220 5.88 -12.71 -0.03
C LEU A 220 5.51 -11.84 1.16
N CYS A 221 4.21 -11.65 1.36
CA CYS A 221 3.74 -10.93 2.53
C CYS A 221 4.25 -11.52 3.86
N LEU A 222 4.10 -12.84 4.02
CA LEU A 222 4.65 -13.42 5.25
C LEU A 222 6.14 -13.19 5.43
N ARG A 223 6.89 -13.22 4.32
CA ARG A 223 8.35 -12.93 4.33
C ARG A 223 8.66 -11.49 4.71
N GLU A 224 7.89 -10.56 4.12
CA GLU A 224 8.00 -9.12 4.44
C GLU A 224 7.71 -8.87 5.93
N LEU A 225 6.70 -9.52 6.49
CA LEU A 225 6.42 -9.35 7.92
C LEU A 225 7.48 -10.00 8.81
N PHE A 226 7.82 -11.26 8.53
CA PHE A 226 8.55 -12.11 9.50
C PHE A 226 10.02 -12.52 9.21
N GLU A 227 10.56 -12.14 8.05
CA GLU A 227 11.92 -12.50 7.68
C GLU A 227 12.67 -11.23 7.23
N PHE A 228 12.10 -10.40 6.38
CA PHE A 228 12.87 -9.24 5.88
C PHE A 228 12.91 -8.10 6.90
N HIS A 229 13.85 -7.16 6.77
CA HIS A 229 13.79 -5.98 7.68
C HIS A 229 12.79 -4.90 7.15
N PHE A 230 12.08 -5.19 6.05
CA PHE A 230 11.47 -4.22 5.14
C PHE A 230 10.10 -4.71 4.60
N GLN A 232 6.41 -3.51 2.05
CA GLN A 232 5.52 -2.60 1.32
C GLN A 232 4.21 -2.53 2.12
N THR A 233 3.86 -1.33 2.60
CA THR A 233 2.60 -1.06 3.29
C THR A 233 1.46 -0.67 2.31
N ASP A 234 0.21 -0.73 2.73
CA ASP A 234 -0.89 -0.47 1.80
C ASP A 234 -0.78 -1.26 0.47
N PRO A 235 -0.60 -2.60 0.54
CA PRO A 235 -0.49 -3.38 -0.69
C PRO A 235 -1.67 -3.13 -1.64
N ASN A 236 -1.38 -2.92 -2.93
CA ASN A 236 -2.41 -2.52 -3.84
C ASN A 236 -2.25 -3.25 -5.17
N TRP A 237 -3.32 -3.94 -5.53
CA TRP A 237 -3.33 -4.68 -6.76
C TRP A 237 -2.97 -3.90 -8.03
N SER A 238 -3.16 -2.61 -8.03
CA SER A 238 -2.64 -1.76 -9.13
C SER A 238 -1.12 -1.61 -9.18
N ASN A 239 -0.41 -1.99 -8.11
CA ASN A 239 1.10 -1.94 -8.17
C ASN A 239 1.85 -3.26 -8.41
N PHE A 240 1.11 -4.29 -8.83
CA PHE A 240 1.67 -5.55 -9.19
C PHE A 240 1.42 -5.67 -10.70
N PHE A 241 2.49 -5.73 -11.51
CA PHE A 241 2.38 -5.95 -13.00
C PHE A 241 2.74 -7.37 -13.42
N TYR A 242 1.75 -8.12 -13.85
CA TYR A 242 1.94 -9.46 -14.27
C TYR A 242 2.22 -9.49 -15.78
N ASP A 243 3.32 -10.17 -16.22
CA ASP A 243 3.66 -10.44 -17.63
C ASP A 243 3.38 -11.93 -18.03
N PRO A 244 2.27 -12.24 -18.77
CA PRO A 244 1.99 -13.60 -19.31
C PRO A 244 3.19 -14.30 -19.94
N GLN A 245 3.94 -13.55 -20.72
CA GLN A 245 4.99 -14.15 -21.52
C GLN A 245 6.00 -14.78 -20.53
N GLN A 246 6.47 -14.02 -19.56
CA GLN A 246 7.51 -14.51 -18.66
C GLN A 246 6.98 -15.18 -17.40
N HIS A 247 5.68 -15.02 -17.13
CA HIS A 247 5.07 -15.55 -15.91
C HIS A 247 5.72 -14.96 -14.63
N LYS A 248 5.91 -13.63 -14.64
CA LYS A 248 6.50 -12.87 -13.57
C LYS A 248 5.67 -11.65 -13.20
N VAL A 249 5.79 -11.27 -11.94
CA VAL A 249 5.10 -10.12 -11.42
C VAL A 249 6.16 -9.11 -11.04
N ALA A 250 6.09 -7.90 -11.64
CA ALA A 250 6.87 -6.71 -11.18
C ALA A 250 6.21 -5.90 -10.04
N LEU A 251 7.05 -5.39 -9.14
CA LEU A 251 6.60 -4.68 -7.96
C LEU A 251 6.89 -3.19 -8.18
N LEU A 252 5.86 -2.35 -8.11
CA LEU A 252 6.07 -0.91 -8.24
C LEU A 252 5.71 -0.21 -6.94
N ASP A 253 6.42 0.88 -6.66
CA ASP A 253 6.02 1.91 -5.72
C ASP A 253 6.62 1.58 -4.34
N PHE A 254 7.80 2.07 -4.14
CA PHE A 254 8.52 1.87 -2.91
C PHE A 254 8.48 3.08 -2.00
N GLY A 255 7.52 4.00 -2.23
CA GLY A 255 7.19 5.08 -1.29
C GLY A 255 6.53 4.42 -0.11
N ALA A 256 5.82 3.35 -0.43
CA ALA A 256 5.17 2.46 0.53
C ALA A 256 6.10 1.74 1.53
N THR A 257 7.42 1.64 1.28
CA THR A 257 8.33 0.81 2.09
C THR A 257 8.57 1.34 3.50
N ARG A 258 8.52 0.45 4.51
CA ARG A 258 8.89 0.77 5.88
C ARG A 258 9.68 -0.31 6.54
N GLU A 259 10.45 0.10 7.53
CA GLU A 259 11.27 -0.75 8.34
C GLU A 259 10.92 -0.41 9.75
N TYR A 260 10.44 -1.38 10.50
CA TYR A 260 9.94 -1.11 11.84
C TYR A 260 10.77 -1.91 12.88
N ASP A 261 10.73 -1.47 14.13
CA ASP A 261 11.29 -2.19 15.25
C ASP A 261 10.77 -3.57 15.28
N ARG A 262 11.69 -4.51 15.39
CA ARG A 262 11.34 -5.91 15.59
C ARG A 262 10.31 -6.28 16.73
N SER A 263 10.22 -5.44 17.77
CA SER A 263 9.30 -5.67 18.87
C SER A 263 7.83 -5.74 18.45
N PHE A 264 7.43 -4.92 17.47
CA PHE A 264 6.06 -4.95 16.99
C PHE A 264 5.78 -6.31 16.25
N THR A 265 6.74 -6.72 15.42
CA THR A 265 6.60 -7.87 14.54
C THR A 265 6.68 -9.14 15.32
N ASP A 266 7.52 -9.12 16.33
CA ASP A 266 7.63 -10.20 17.32
C ASP A 266 6.25 -10.43 18.02
N LEU A 267 5.59 -9.35 18.41
CA LEU A 267 4.27 -9.49 19.00
C LEU A 267 3.21 -9.85 17.94
N TYR A 268 3.34 -9.34 16.71
CA TYR A 268 2.36 -9.60 15.63
C TYR A 268 2.39 -11.07 15.23
N ILE A 269 3.57 -11.69 15.16
CA ILE A 269 3.67 -13.18 14.94
C ILE A 269 2.84 -13.98 16.01
N GLN A 270 2.92 -13.57 17.25
CA GLN A 270 2.18 -14.21 18.34
C GLN A 270 0.69 -14.02 18.14
N ILE A 271 0.32 -12.83 17.63
CA ILE A 271 -1.11 -12.62 17.38
C ILE A 271 -1.61 -13.63 16.38
N ILE A 272 -0.88 -13.78 15.28
CA ILE A 272 -1.34 -14.60 14.16
C ILE A 272 -1.22 -16.11 14.53
N ARG A 273 -0.11 -16.52 15.17
CA ARG A 273 -0.01 -17.87 15.80
C ARG A 273 -1.24 -18.18 16.62
N ALA A 274 -1.61 -17.29 17.54
CA ALA A 274 -2.73 -17.55 18.47
C ALA A 274 -4.02 -17.65 17.76
N ALA A 275 -4.14 -16.84 16.71
CA ALA A 275 -5.30 -16.90 15.84
C ALA A 275 -5.39 -18.16 14.96
N ALA A 276 -4.24 -18.65 14.49
CA ALA A 276 -4.18 -19.90 13.76
C ALA A 276 -4.63 -21.06 14.69
N ASP A 277 -4.27 -20.93 15.98
CA ASP A 277 -4.63 -21.86 17.04
C ASP A 277 -5.96 -21.56 17.71
N ARG A 278 -6.75 -20.66 17.16
CA ARG A 278 -8.09 -20.42 17.63
C ARG A 278 -8.16 -20.01 19.11
N ASP A 279 -7.09 -19.41 19.64
CA ASP A 279 -7.00 -18.91 21.04
C ASP A 279 -7.28 -17.37 21.16
N ARG A 280 -8.56 -17.02 21.36
CA ARG A 280 -9.08 -15.63 21.37
C ARG A 280 -8.45 -14.79 22.47
N GLU A 281 -8.20 -15.44 23.61
CA GLU A 281 -7.58 -14.80 24.80
C GLU A 281 -6.11 -14.45 24.57
N THR A 282 -5.36 -15.31 23.89
CA THR A 282 -4.00 -14.89 23.51
C THR A 282 -4.02 -13.71 22.47
N VAL A 283 -4.96 -13.75 21.54
CA VAL A 283 -5.08 -12.71 20.49
C VAL A 283 -5.31 -11.35 21.05
N ARG A 284 -6.24 -11.29 21.99
CA ARG A 284 -6.61 -10.12 22.68
C ARG A 284 -5.46 -9.59 23.54
N ALA A 285 -4.80 -10.47 24.28
CA ALA A 285 -3.76 -10.04 25.27
C ALA A 285 -2.52 -9.48 24.57
N LYS A 286 -2.11 -10.12 23.50
CA LYS A 286 -1.01 -9.62 22.69
C LYS A 286 -1.37 -8.37 21.90
N SER A 287 -2.63 -8.27 21.49
CA SER A 287 -3.11 -7.03 20.86
C SER A 287 -3.04 -5.86 21.83
N ILE A 288 -3.27 -6.12 23.13
CA ILE A 288 -3.14 -5.09 24.18
C ILE A 288 -1.67 -4.83 24.41
N GLU A 289 -0.86 -5.88 24.52
CA GLU A 289 0.56 -5.68 24.75
C GLU A 289 1.22 -4.87 23.59
N LYS A 291 -0.28 -2.60 21.99
CA LYS A 291 -0.90 -1.30 22.18
C LYS A 291 -1.80 -0.93 21.05
N PHE A 292 -2.28 -1.91 20.27
CA PHE A 292 -3.42 -1.62 19.36
C PHE A 292 -4.71 -1.37 20.17
N LEU A 293 -5.02 -2.32 21.05
CA LEU A 293 -6.09 -2.25 22.07
C LEU A 293 -5.52 -1.75 23.41
N THR A 294 -6.35 -0.98 24.14
CA THR A 294 -6.09 -0.48 25.48
C THR A 294 -6.46 -1.52 26.58
N GLY A 295 -7.37 -2.45 26.29
CA GLY A 295 -7.83 -3.38 27.27
C GLY A 295 -9.15 -2.84 27.85
N TYR A 296 -9.58 -1.64 27.48
CA TYR A 296 -10.84 -1.12 28.05
C TYR A 296 -11.77 -0.58 27.04
N GLU A 297 -11.65 -1.04 25.79
CA GLU A 297 -12.62 -0.75 24.73
C GLU A 297 -13.97 -1.36 25.15
N VAL A 298 -15.06 -0.79 24.65
CA VAL A 298 -16.38 -1.43 24.68
C VAL A 298 -16.29 -2.84 24.11
N LYS A 299 -16.83 -3.80 24.84
CA LYS A 299 -16.86 -5.18 24.40
C LYS A 299 -17.25 -5.33 22.91
N VAL A 300 -18.31 -4.69 22.49
CA VAL A 300 -18.90 -5.01 21.21
C VAL A 300 -17.88 -4.71 20.11
N GLU A 302 -14.61 -4.51 20.65
CA GLU A 302 -13.50 -5.41 20.82
C GLU A 302 -13.82 -6.72 20.12
N ASP A 303 -15.02 -7.21 20.33
CA ASP A 303 -15.39 -8.52 19.82
C ASP A 303 -15.39 -8.47 18.32
N ALA A 304 -15.80 -7.33 17.74
CA ALA A 304 -15.78 -7.25 16.23
C ALA A 304 -14.34 -7.36 15.58
N HIS A 305 -13.38 -6.72 16.24
CA HIS A 305 -11.99 -6.75 15.87
C HIS A 305 -11.34 -8.14 16.09
N LEU A 306 -11.63 -8.78 17.22
CA LEU A 306 -11.14 -10.16 17.47
C LEU A 306 -11.74 -11.13 16.44
N ASP A 307 -13.02 -10.98 16.08
CA ASP A 307 -13.64 -11.84 15.05
C ASP A 307 -12.88 -11.72 13.74
N ALA A 308 -12.55 -10.49 13.35
CA ALA A 308 -11.87 -10.27 12.09
C ALA A 308 -10.48 -10.91 12.08
N ILE A 309 -9.76 -10.80 13.19
CA ILE A 309 -8.45 -11.40 13.24
C ILE A 309 -8.60 -12.91 13.06
N LEU A 310 -9.58 -13.52 13.72
CA LEU A 310 -9.76 -14.99 13.66
C LEU A 310 -10.20 -15.51 12.29
N ILE A 311 -10.86 -14.69 11.47
CA ILE A 311 -11.03 -15.08 10.03
C ILE A 311 -9.68 -15.31 9.33
N LEU A 312 -8.71 -14.45 9.56
CA LEU A 312 -7.36 -14.71 9.06
C LEU A 312 -6.77 -15.96 9.70
N GLY A 313 -7.05 -16.19 10.96
CA GLY A 313 -6.63 -17.44 11.61
C GLY A 313 -7.22 -18.71 10.96
N GLU A 314 -8.48 -18.66 10.49
CA GLU A 314 -9.17 -19.79 9.87
C GLU A 314 -8.30 -20.21 8.67
N ALA A 315 -7.98 -19.26 7.76
CA ALA A 315 -7.12 -19.58 6.63
C ALA A 315 -5.82 -20.28 7.08
N PHE A 316 -5.16 -19.73 8.11
CA PHE A 316 -3.87 -20.28 8.49
C PHE A 316 -4.02 -21.60 9.32
N ALA A 317 -5.18 -21.86 9.94
CA ALA A 317 -5.52 -23.12 10.64
C ALA A 317 -5.89 -24.33 9.77
N SER A 318 -6.42 -24.06 8.57
CA SER A 318 -7.03 -25.07 7.71
C SER A 318 -6.11 -25.74 6.67
N ASP A 319 -6.28 -27.02 6.51
CA ASP A 319 -5.60 -27.63 5.37
C ASP A 319 -6.46 -27.64 4.12
N GLU A 320 -7.71 -27.24 4.23
CA GLU A 320 -8.54 -27.11 3.04
C GLU A 320 -8.15 -25.81 2.35
N PRO A 321 -8.44 -25.69 1.05
CA PRO A 321 -8.25 -24.37 0.46
C PRO A 321 -9.27 -23.37 0.99
N PHE A 322 -8.82 -22.14 1.19
CA PHE A 322 -9.59 -21.03 1.68
C PHE A 322 -10.17 -20.20 0.52
N ASP A 323 -11.50 -19.98 0.52
CA ASP A 323 -12.14 -19.25 -0.55
C ASP A 323 -12.09 -17.77 -0.11
N PHE A 324 -11.00 -17.07 -0.48
CA PHE A 324 -10.82 -15.61 -0.16
C PHE A 324 -11.97 -14.74 -0.68
N GLY A 325 -12.52 -15.11 -1.85
CA GLY A 325 -13.61 -14.40 -2.52
C GLY A 325 -14.91 -14.29 -1.74
N THR A 326 -15.21 -15.23 -0.84
CA THR A 326 -16.42 -15.20 0.04
C THR A 326 -16.16 -15.23 1.58
N GLN A 327 -15.00 -15.75 2.01
CA GLN A 327 -14.66 -15.78 3.46
C GLN A 327 -13.84 -14.53 3.92
N SER A 328 -13.28 -13.77 2.98
CA SER A 328 -12.27 -12.73 3.25
C SER A 328 -12.53 -11.37 2.53
N THR A 329 -13.80 -11.02 2.29
CA THR A 329 -14.16 -9.72 1.67
C THR A 329 -13.98 -8.60 2.66
N THR A 330 -13.88 -7.37 2.14
CA THR A 330 -13.85 -6.16 2.98
C THR A 330 -14.92 -6.23 4.08
N GLU A 331 -16.11 -6.70 3.71
CA GLU A 331 -17.21 -6.89 4.66
C GLU A 331 -16.78 -7.85 5.77
N LYS A 332 -16.25 -9.01 5.40
CA LYS A 332 -15.79 -9.95 6.43
C LYS A 332 -14.70 -9.42 7.43
N ILE A 333 -13.78 -8.56 6.95
CA ILE A 333 -12.54 -8.25 7.67
C ILE A 333 -12.19 -6.77 7.87
N HIS A 334 -13.10 -5.84 7.60
CA HIS A 334 -12.77 -4.43 7.76
C HIS A 334 -12.50 -4.06 9.23
N ASN A 335 -13.15 -4.81 10.15
CA ASN A 335 -12.84 -4.67 11.59
C ASN A 335 -11.41 -5.04 12.06
N LEU A 336 -10.53 -5.56 11.19
CA LEU A 336 -9.11 -5.52 11.49
C LEU A 336 -8.65 -4.13 11.99
N ILE A 337 -9.22 -3.08 11.39
CA ILE A 337 -8.89 -1.73 11.74
C ILE A 337 -10.22 -1.01 12.12
N PRO A 338 -10.60 -1.07 13.36
CA PRO A 338 -11.72 -0.22 13.71
C PRO A 338 -11.22 1.21 13.61
N VAL A 339 -11.91 2.03 12.81
CA VAL A 339 -11.38 3.39 12.52
C VAL A 339 -11.65 4.35 13.70
N LEU A 341 -10.44 4.53 16.69
CA LEU A 341 -9.27 4.19 17.56
C LEU A 341 -8.21 5.29 17.42
N ARG A 342 -7.97 5.73 16.20
CA ARG A 342 -7.15 6.93 15.95
C ARG A 342 -7.63 8.16 16.79
N HIS A 343 -8.88 8.14 17.28
CA HIS A 343 -9.48 9.25 18.02
C HIS A 343 -9.65 8.75 19.44
N ARG A 344 -8.54 8.74 20.17
CA ARG A 344 -8.54 8.38 21.59
C ARG A 344 -7.35 9.07 22.20
N LEU A 345 -7.34 9.24 23.52
CA LEU A 345 -6.23 10.00 24.16
C LEU A 345 -4.86 9.64 23.58
N VAL A 346 -4.58 8.32 23.52
CA VAL A 346 -3.30 7.80 23.06
C VAL A 346 -3.50 6.79 21.96
N PRO A 347 -3.41 7.26 20.70
CA PRO A 347 -3.76 6.37 19.64
C PRO A 347 -2.71 5.25 19.45
N PRO A 348 -3.11 4.15 18.78
CA PRO A 348 -2.24 3.02 18.43
C PRO A 348 -0.98 3.55 17.76
N PRO A 349 0.21 3.05 18.13
CA PRO A 349 1.46 3.32 17.36
C PRO A 349 1.17 3.00 15.88
N GLU A 350 1.59 3.88 14.96
CA GLU A 350 1.30 3.63 13.51
C GLU A 350 1.84 2.31 12.95
N GLU A 351 2.89 1.75 13.55
CA GLU A 351 3.38 0.47 13.15
C GLU A 351 2.28 -0.64 13.24
N THR A 352 1.39 -0.51 14.21
CA THR A 352 0.37 -1.51 14.39
C THR A 352 -0.61 -1.50 13.27
N TYR A 353 -1.04 -0.31 12.92
CA TYR A 353 -1.90 -0.07 11.78
C TYR A 353 -1.34 -0.66 10.50
N SER A 354 -0.10 -0.32 10.21
CA SER A 354 0.58 -0.98 9.11
C SER A 354 0.50 -2.48 9.05
N LEU A 355 0.75 -3.13 10.18
CA LEU A 355 0.89 -4.58 10.14
C LEU A 355 -0.44 -5.23 9.84
N HIS A 356 -1.50 -4.71 10.48
CA HIS A 356 -2.85 -5.12 10.13
C HIS A 356 -3.26 -4.77 8.71
N LYS A 357 -2.88 -3.58 8.21
CA LYS A 357 -3.22 -3.18 6.84
C LYS A 357 -2.42 -4.08 5.90
N LYS A 358 -1.19 -4.41 6.25
CA LYS A 358 -0.39 -5.24 5.32
C LYS A 358 -1.05 -6.62 5.14
N GLY A 360 -4.16 -7.63 6.10
CA GLY A 360 -5.55 -7.49 5.59
C GLY A 360 -5.65 -7.19 4.13
N GLY A 361 -4.78 -6.31 3.73
CA GLY A 361 -4.73 -5.90 2.36
C GLY A 361 -4.34 -7.01 1.45
N SER A 362 -3.43 -7.89 1.91
CA SER A 362 -2.97 -8.99 1.05
C SER A 362 -4.12 -9.97 0.93
N PHE A 363 -4.82 -10.20 2.05
CA PHE A 363 -6.02 -10.98 2.01
C PHE A 363 -7.03 -10.42 0.98
N LEU A 364 -7.19 -9.11 0.88
CA LEU A 364 -8.14 -8.48 -0.07
C LEU A 364 -7.83 -8.63 -1.52
N ILE A 365 -6.56 -8.56 -1.85
CA ILE A 365 -6.11 -8.80 -3.22
C ILE A 365 -6.50 -10.20 -3.60
N CYS A 366 -6.43 -11.14 -2.66
CA CYS A 366 -6.77 -12.54 -2.98
C CYS A 366 -8.31 -12.68 -3.14
N SER A 367 -9.06 -11.90 -2.38
CA SER A 367 -10.52 -11.86 -2.42
C SER A 367 -10.90 -11.25 -3.73
N LYS A 368 -10.39 -10.05 -4.01
CA LYS A 368 -10.60 -9.39 -5.33
C LYS A 368 -10.38 -10.31 -6.54
N LEU A 369 -9.30 -11.08 -6.55
CA LEU A 369 -8.97 -11.91 -7.70
C LEU A 369 -9.60 -13.32 -7.65
N LYS A 370 -10.41 -13.58 -6.62
CA LYS A 370 -11.18 -14.80 -6.46
C LYS A 370 -10.34 -16.05 -6.36
N ALA A 371 -9.22 -15.89 -5.65
CA ALA A 371 -8.25 -16.97 -5.51
C ALA A 371 -8.70 -18.02 -4.50
N ARG A 372 -8.14 -19.20 -4.62
CA ARG A 372 -8.49 -20.29 -3.74
C ARG A 372 -7.28 -21.25 -3.61
N PHE A 373 -6.72 -21.30 -2.40
CA PHE A 373 -5.54 -22.09 -2.09
C PHE A 373 -5.35 -22.31 -0.59
N PRO A 374 -4.64 -23.37 -0.17
CA PRO A 374 -4.45 -23.61 1.27
C PRO A 374 -3.40 -22.70 1.84
N CYS A 375 -3.58 -22.24 3.07
CA CYS A 375 -2.66 -21.27 3.72
C CYS A 375 -1.88 -21.83 4.93
N LYS A 376 -2.20 -23.04 5.34
CA LYS A 376 -1.57 -23.58 6.56
C LYS A 376 -0.09 -23.79 6.45
N ALA A 377 0.32 -24.41 5.37
CA ALA A 377 1.74 -24.77 5.23
C ALA A 377 2.60 -23.52 5.10
N PHE A 379 2.04 -20.59 6.47
CA PHE A 379 2.18 -20.03 7.80
C PHE A 379 3.05 -20.87 8.74
N GLU A 380 2.85 -22.18 8.79
CA GLU A 380 3.72 -23.05 9.64
C GLU A 380 5.23 -22.96 9.26
N GLU A 381 5.51 -22.94 7.94
CA GLU A 381 6.87 -22.65 7.43
C GLU A 381 7.39 -21.29 7.96
N ALA A 382 6.62 -20.22 7.75
CA ALA A 382 7.11 -18.89 8.23
C ALA A 382 7.32 -18.85 9.76
N TYR A 383 6.39 -19.42 10.50
CA TYR A 383 6.50 -19.44 11.95
C TYR A 383 7.71 -20.28 12.35
N SER A 384 7.94 -21.38 11.69
CA SER A 384 9.11 -22.24 12.06
C SER A 384 10.47 -21.56 11.78
N ASN A 385 10.60 -20.88 10.63
CA ASN A 385 11.89 -20.20 10.34
C ASN A 385 12.14 -18.98 11.18
N TYR A 386 11.07 -18.28 11.55
CA TYR A 386 11.21 -17.21 12.52
C TYR A 386 11.77 -17.74 13.89
N CYS A 387 11.27 -18.91 14.33
CA CYS A 387 11.72 -19.55 15.59
C CYS A 387 13.15 -20.13 15.51
N LYS A 388 13.55 -20.66 14.35
CA LYS A 388 14.98 -21.01 14.14
C LYS A 388 15.85 -19.77 14.29
N ARG A 389 15.51 -18.69 13.58
CA ARG A 389 16.27 -17.42 13.69
C ARG A 389 16.53 -16.89 15.15
N GLN A 390 15.78 -17.33 16.17
CA GLN A 390 16.35 -17.39 17.57
C GLN A 390 16.36 -18.80 18.13
#